data_7W8K
#
_entry.id   7W8K
#
_entity_poly.entity_id   1
_entity_poly.type   'polypeptide(L)'
_entity_poly.pdbx_seq_one_letter_code
;CPPCHGRPTCDSFTNCWELLTCPPC
;
_entity_poly.pdbx_strand_id   A
#
# COMPACT_ATOMS: atom_id res chain seq x y z
N CYS A 1 -6.00 -7.63 2.31
CA CYS A 1 -5.83 -6.17 2.50
C CYS A 1 -5.47 -5.50 1.19
N PRO A 2 -6.49 -5.08 0.41
CA PRO A 2 -6.31 -4.39 -0.85
C PRO A 2 -6.03 -2.90 -0.65
N PRO A 3 -5.68 -2.17 -1.72
CA PRO A 3 -5.51 -0.71 -1.69
C PRO A 3 -6.65 -0.02 -0.96
N CYS A 4 -6.31 0.95 -0.12
CA CYS A 4 -7.27 1.51 0.83
C CYS A 4 -8.17 2.54 0.17
N HIS A 5 -7.89 2.84 -1.09
CA HIS A 5 -8.67 3.80 -1.85
C HIS A 5 -8.67 3.45 -3.33
N GLY A 6 -8.50 2.17 -3.63
CA GLY A 6 -8.48 1.72 -5.01
C GLY A 6 -7.20 2.11 -5.73
N ARG A 7 -6.35 2.86 -5.04
CA ARG A 7 -5.09 3.31 -5.60
C ARG A 7 -3.96 2.86 -4.69
N PRO A 8 -2.71 2.84 -5.18
CA PRO A 8 -1.53 2.46 -4.37
C PRO A 8 -1.37 3.32 -3.13
N THR A 9 -2.08 2.94 -2.07
CA THR A 9 -2.06 3.68 -0.83
C THR A 9 -0.90 3.22 0.04
N CYS A 10 0.12 4.06 0.12
CA CYS A 10 1.31 3.75 0.90
C CYS A 10 1.63 4.89 1.87
N ASP A 11 1.75 4.55 3.15
CA ASP A 11 2.10 5.57 4.15
C ASP A 11 3.58 5.48 4.52
N SER A 12 4.40 5.42 3.48
CA SER A 12 5.86 5.41 3.61
C SER A 12 6.44 5.07 2.25
N PHE A 13 7.76 5.04 2.14
CA PHE A 13 8.41 4.75 0.88
C PHE A 13 8.62 3.25 0.72
N THR A 14 9.18 2.65 1.76
CA THR A 14 9.50 1.23 1.74
C THR A 14 8.25 0.37 1.60
N ASN A 15 7.16 0.82 2.19
CA ASN A 15 5.92 0.07 2.11
C ASN A 15 5.25 0.35 0.78
N CYS A 16 5.67 1.43 0.13
CA CYS A 16 5.09 1.80 -1.15
C CYS A 16 5.57 0.87 -2.25
N TRP A 17 6.80 0.39 -2.13
CA TRP A 17 7.26 -0.64 -3.05
C TRP A 17 6.97 -2.03 -2.48
N GLU A 18 6.51 -2.09 -1.23
CA GLU A 18 6.07 -3.35 -0.66
C GLU A 18 4.55 -3.39 -0.60
N LEU A 19 3.91 -2.77 -1.57
CA LEU A 19 2.44 -2.80 -1.66
C LEU A 19 1.96 -4.16 -2.15
N LEU A 20 2.89 -4.99 -2.58
CA LEU A 20 2.56 -6.32 -3.05
C LEU A 20 2.16 -7.21 -1.88
N THR A 21 2.75 -6.96 -0.73
CA THR A 21 2.49 -7.77 0.45
C THR A 21 1.15 -7.41 1.07
N CYS A 22 1.09 -6.24 1.66
CA CYS A 22 -0.14 -5.76 2.28
C CYS A 22 -0.16 -4.23 2.33
N PRO A 23 -0.91 -3.59 1.42
CA PRO A 23 -1.12 -2.14 1.44
C PRO A 23 -1.65 -1.67 2.80
N PRO A 24 -1.06 -0.60 3.35
CA PRO A 24 -1.47 -0.07 4.65
C PRO A 24 -2.80 0.66 4.59
N CYS A 25 -3.87 -0.09 4.81
CA CYS A 25 -5.19 0.50 4.91
C CYS A 25 -5.58 0.62 6.38
N CYS A 1 -5.45 -8.26 0.40
CA CYS A 1 -5.24 -6.89 0.92
C CYS A 1 -5.46 -5.86 -0.18
N PRO A 2 -6.64 -5.23 -0.23
CA PRO A 2 -6.95 -4.21 -1.23
C PRO A 2 -6.37 -2.85 -0.86
N PRO A 3 -5.75 -2.16 -1.83
CA PRO A 3 -5.28 -0.77 -1.63
C PRO A 3 -6.47 0.15 -1.34
N CYS A 4 -6.36 0.94 -0.30
CA CYS A 4 -7.49 1.72 0.20
C CYS A 4 -7.95 2.75 -0.82
N HIS A 5 -9.28 2.80 -1.03
CA HIS A 5 -9.90 3.72 -1.99
C HIS A 5 -9.42 3.43 -3.40
N GLY A 6 -8.94 2.21 -3.62
CA GLY A 6 -8.38 1.84 -4.91
C GLY A 6 -7.06 2.53 -5.18
N ARG A 7 -6.51 3.15 -4.14
CA ARG A 7 -5.27 3.90 -4.26
C ARG A 7 -4.16 3.18 -3.52
N PRO A 8 -2.94 3.18 -4.08
CA PRO A 8 -1.75 2.61 -3.43
C PRO A 8 -1.39 3.37 -2.17
N THR A 9 -2.03 3.02 -1.06
CA THR A 9 -1.81 3.72 0.20
C THR A 9 -0.49 3.33 0.82
N CYS A 10 0.47 4.25 0.74
CA CYS A 10 1.78 4.06 1.34
C CYS A 10 2.39 5.41 1.71
N ASP A 11 2.55 5.65 3.00
CA ASP A 11 3.08 6.92 3.46
C ASP A 11 4.60 6.82 3.64
N SER A 12 5.25 6.31 2.60
CA SER A 12 6.70 6.17 2.53
C SER A 12 7.05 5.32 1.32
N PHE A 13 8.20 5.55 0.72
CA PHE A 13 8.56 4.84 -0.50
C PHE A 13 8.74 3.35 -0.19
N THR A 14 9.29 3.09 0.98
CA THR A 14 9.54 1.73 1.42
C THR A 14 8.22 0.96 1.57
N ASN A 15 7.19 1.67 2.00
CA ASN A 15 5.90 1.02 2.18
C ASN A 15 5.20 0.91 0.84
N CYS A 16 5.67 1.69 -0.13
CA CYS A 16 5.09 1.68 -1.46
C CYS A 16 5.50 0.41 -2.21
N TRP A 17 6.67 -0.13 -1.87
CA TRP A 17 7.02 -1.44 -2.40
C TRP A 17 6.52 -2.55 -1.48
N GLU A 18 6.11 -2.18 -0.27
CA GLU A 18 5.48 -3.14 0.64
C GLU A 18 4.02 -3.34 0.29
N LEU A 19 3.60 -2.79 -0.84
CA LEU A 19 2.24 -2.98 -1.32
C LEU A 19 2.11 -4.35 -1.98
N LEU A 20 3.25 -4.98 -2.21
CA LEU A 20 3.30 -6.30 -2.83
C LEU A 20 2.84 -7.36 -1.84
N THR A 21 3.07 -7.10 -0.57
CA THR A 21 2.67 -8.03 0.47
C THR A 21 1.24 -7.78 0.92
N CYS A 22 1.03 -6.66 1.56
CA CYS A 22 -0.30 -6.28 2.05
C CYS A 22 -0.41 -4.77 2.20
N PRO A 23 -1.03 -4.10 1.21
CA PRO A 23 -1.29 -2.65 1.27
C PRO A 23 -2.05 -2.24 2.54
N PRO A 24 -1.56 -1.19 3.23
CA PRO A 24 -2.23 -0.66 4.42
C PRO A 24 -3.50 0.10 4.09
N CYS A 25 -4.62 -0.61 4.07
CA CYS A 25 -5.91 0.02 3.87
C CYS A 25 -6.57 0.28 5.21
N CYS A 1 -5.15 -8.29 1.06
CA CYS A 1 -4.77 -6.91 1.46
C CYS A 1 -4.80 -5.98 0.24
N PRO A 2 -5.98 -5.42 -0.07
CA PRO A 2 -6.17 -4.49 -1.18
C PRO A 2 -5.79 -3.06 -0.82
N PRO A 3 -5.09 -2.35 -1.72
CA PRO A 3 -4.83 -0.90 -1.59
C PRO A 3 -6.12 -0.13 -1.32
N CYS A 4 -6.08 0.75 -0.33
CA CYS A 4 -7.27 1.45 0.12
C CYS A 4 -7.81 2.39 -0.95
N HIS A 5 -9.08 2.20 -1.29
CA HIS A 5 -9.77 2.98 -2.30
C HIS A 5 -9.13 2.76 -3.68
N GLY A 6 -8.44 1.63 -3.81
CA GLY A 6 -7.81 1.28 -5.07
C GLY A 6 -6.56 2.09 -5.33
N ARG A 7 -6.13 2.86 -4.34
CA ARG A 7 -4.95 3.71 -4.48
C ARG A 7 -3.81 3.15 -3.65
N PRO A 8 -2.58 3.30 -4.15
CA PRO A 8 -1.36 2.93 -3.42
C PRO A 8 -1.21 3.73 -2.14
N THR A 9 -1.88 3.30 -1.09
CA THR A 9 -1.83 3.99 0.18
C THR A 9 -0.57 3.64 0.96
N CYS A 10 0.37 4.56 0.96
CA CYS A 10 1.65 4.33 1.64
C CYS A 10 2.27 5.66 2.06
N ASP A 11 2.37 5.87 3.37
CA ASP A 11 3.00 7.06 3.91
C ASP A 11 4.48 6.78 4.16
N SER A 12 5.11 6.21 3.14
CA SER A 12 6.51 5.82 3.16
C SER A 12 6.80 5.00 1.92
N PHE A 13 7.89 5.34 1.24
CA PHE A 13 8.25 4.70 -0.01
C PHE A 13 8.43 3.19 0.17
N THR A 14 8.84 2.81 1.38
CA THR A 14 9.08 1.41 1.67
C THR A 14 7.80 0.60 1.58
N ASN A 15 6.69 1.20 1.98
CA ASN A 15 5.41 0.50 1.92
C ASN A 15 4.84 0.61 0.53
N CYS A 16 5.34 1.57 -0.24
CA CYS A 16 4.90 1.75 -1.61
C CYS A 16 5.39 0.62 -2.50
N TRP A 17 6.53 0.02 -2.14
CA TRP A 17 6.97 -1.18 -2.83
C TRP A 17 6.59 -2.43 -2.04
N GLU A 18 6.05 -2.25 -0.83
CA GLU A 18 5.49 -3.38 -0.08
C GLU A 18 3.97 -3.44 -0.27
N LEU A 19 3.51 -2.98 -1.43
CA LEU A 19 2.10 -3.06 -1.76
C LEU A 19 1.76 -4.45 -2.26
N LEU A 20 2.79 -5.21 -2.59
CA LEU A 20 2.62 -6.59 -3.04
C LEU A 20 2.24 -7.50 -1.89
N THR A 21 2.61 -7.12 -0.67
CA THR A 21 2.23 -7.87 0.50
C THR A 21 0.90 -7.39 1.03
N CYS A 22 0.93 -6.39 1.89
CA CYS A 22 -0.28 -5.82 2.45
C CYS A 22 -0.20 -4.30 2.52
N PRO A 23 -0.81 -3.62 1.53
CA PRO A 23 -0.98 -2.16 1.54
C PRO A 23 -1.70 -1.68 2.79
N PRO A 24 -1.18 -0.63 3.44
CA PRO A 24 -1.84 0.00 4.59
C PRO A 24 -3.21 0.58 4.23
N CYS A 25 -4.24 -0.26 4.34
CA CYS A 25 -5.60 0.15 4.07
C CYS A 25 -6.39 0.24 5.37
N CYS A 1 -5.99 -7.52 2.46
CA CYS A 1 -5.66 -6.07 2.54
C CYS A 1 -5.54 -5.47 1.14
N PRO A 2 -6.63 -4.90 0.62
CA PRO A 2 -6.63 -4.19 -0.66
C PRO A 2 -6.11 -2.77 -0.51
N PRO A 3 -5.57 -2.19 -1.59
CA PRO A 3 -5.17 -0.77 -1.60
C PRO A 3 -6.33 0.12 -1.22
N CYS A 4 -6.10 1.03 -0.28
CA CYS A 4 -7.19 1.81 0.30
C CYS A 4 -7.81 2.74 -0.73
N HIS A 5 -9.12 2.57 -0.92
CA HIS A 5 -9.89 3.40 -1.85
C HIS A 5 -9.44 3.19 -3.29
N GLY A 6 -8.91 2.01 -3.56
CA GLY A 6 -8.55 1.64 -4.92
C GLY A 6 -7.20 2.19 -5.36
N ARG A 7 -6.57 2.95 -4.49
CA ARG A 7 -5.29 3.57 -4.82
C ARG A 7 -4.18 3.05 -3.91
N PRO A 8 -2.96 2.93 -4.44
CA PRO A 8 -1.80 2.48 -3.68
C PRO A 8 -1.47 3.39 -2.51
N THR A 9 -1.98 3.05 -1.34
CA THR A 9 -1.76 3.84 -0.16
C THR A 9 -0.47 3.45 0.55
N CYS A 10 0.51 4.32 0.48
CA CYS A 10 1.78 4.13 1.17
C CYS A 10 2.33 5.46 1.65
N ASP A 11 2.41 5.64 2.95
CA ASP A 11 2.91 6.89 3.52
C ASP A 11 4.42 6.80 3.77
N SER A 12 5.13 6.32 2.76
CA SER A 12 6.58 6.15 2.77
C SER A 12 6.98 5.26 1.62
N PHE A 13 8.19 5.44 1.10
CA PHE A 13 8.67 4.65 -0.03
C PHE A 13 8.72 3.17 0.35
N THR A 14 9.03 2.92 1.62
CA THR A 14 9.13 1.55 2.11
C THR A 14 7.78 0.84 2.05
N ASN A 15 6.71 1.58 2.28
CA ASN A 15 5.40 0.98 2.26
C ASN A 15 4.93 0.88 0.81
N CYS A 16 5.55 1.67 -0.05
CA CYS A 16 5.20 1.68 -1.46
C CYS A 16 5.70 0.43 -2.16
N TRP A 17 6.79 -0.14 -1.68
CA TRP A 17 7.22 -1.42 -2.21
C TRP A 17 6.60 -2.56 -1.42
N GLU A 18 6.02 -2.25 -0.25
CA GLU A 18 5.31 -3.27 0.51
C GLU A 18 3.84 -3.29 0.12
N LEU A 19 3.55 -2.82 -1.10
CA LEU A 19 2.20 -2.86 -1.65
C LEU A 19 1.98 -4.17 -2.39
N LEU A 20 3.07 -4.89 -2.60
CA LEU A 20 3.02 -6.16 -3.31
C LEU A 20 2.67 -7.29 -2.35
N THR A 21 3.00 -7.07 -1.09
CA THR A 21 2.72 -8.04 -0.04
C THR A 21 1.35 -7.80 0.58
N CYS A 22 1.25 -6.69 1.29
CA CYS A 22 0.01 -6.32 1.96
C CYS A 22 -0.12 -4.81 2.05
N PRO A 23 -0.87 -4.19 1.11
CA PRO A 23 -1.12 -2.75 1.12
C PRO A 23 -1.81 -2.29 2.40
N PRO A 24 -1.27 -1.24 3.04
CA PRO A 24 -1.85 -0.71 4.26
C PRO A 24 -3.08 0.16 4.02
N CYS A 25 -4.23 -0.46 4.09
CA CYS A 25 -5.50 0.26 4.03
C CYS A 25 -6.12 0.34 5.43
N CYS A 1 -6.33 -8.02 1.74
CA CYS A 1 -6.12 -6.57 1.98
C CYS A 1 -5.63 -5.87 0.72
N PRO A 2 -6.54 -5.31 -0.08
CA PRO A 2 -6.21 -4.52 -1.26
C PRO A 2 -5.91 -3.06 -0.89
N PRO A 3 -5.41 -2.25 -1.85
CA PRO A 3 -5.22 -0.81 -1.65
C PRO A 3 -6.43 -0.17 -0.97
N CYS A 4 -6.15 0.79 -0.09
CA CYS A 4 -7.17 1.31 0.82
C CYS A 4 -8.09 2.31 0.15
N HIS A 5 -7.93 2.46 -1.15
CA HIS A 5 -8.79 3.34 -1.94
C HIS A 5 -8.69 2.93 -3.40
N GLY A 6 -8.35 1.66 -3.64
CA GLY A 6 -8.19 1.16 -4.99
C GLY A 6 -6.90 1.64 -5.62
N ARG A 7 -6.21 2.55 -4.95
CA ARG A 7 -4.98 3.14 -5.46
C ARG A 7 -3.86 2.89 -4.47
N PRO A 8 -2.60 2.92 -4.93
CA PRO A 8 -1.42 2.75 -4.08
C PRO A 8 -1.46 3.64 -2.84
N THR A 9 -1.75 3.06 -1.70
CA THR A 9 -1.82 3.80 -0.46
C THR A 9 -0.61 3.51 0.43
N CYS A 10 0.28 4.49 0.50
CA CYS A 10 1.49 4.37 1.29
C CYS A 10 2.06 5.74 1.63
N ASP A 11 2.22 6.02 2.91
CA ASP A 11 2.85 7.25 3.36
C ASP A 11 4.26 6.93 3.84
N SER A 12 4.98 6.23 2.98
CA SER A 12 6.32 5.75 3.26
C SER A 12 6.79 4.96 2.05
N PHE A 13 7.96 5.32 1.54
CA PHE A 13 8.48 4.74 0.31
C PHE A 13 8.67 3.25 0.46
N THR A 14 9.09 2.85 1.66
CA THR A 14 9.28 1.45 1.97
C THR A 14 7.96 0.70 1.89
N ASN A 15 6.88 1.35 2.27
CA ASN A 15 5.58 0.72 2.26
C ASN A 15 5.00 0.77 0.86
N CYS A 16 5.56 1.65 0.04
CA CYS A 16 5.14 1.78 -1.34
C CYS A 16 5.62 0.60 -2.16
N TRP A 17 6.76 0.03 -1.79
CA TRP A 17 7.18 -1.22 -2.43
C TRP A 17 6.63 -2.43 -1.66
N GLU A 18 6.05 -2.18 -0.48
CA GLU A 18 5.38 -3.24 0.26
C GLU A 18 3.88 -3.28 -0.07
N LEU A 19 3.53 -2.76 -1.24
CA LEU A 19 2.12 -2.76 -1.67
C LEU A 19 1.76 -4.07 -2.33
N LEU A 20 2.76 -4.87 -2.65
CA LEU A 20 2.54 -6.13 -3.33
C LEU A 20 2.04 -7.18 -2.34
N THR A 21 2.53 -7.10 -1.12
CA THR A 21 2.12 -8.00 -0.07
C THR A 21 0.76 -7.61 0.50
N CYS A 22 0.77 -6.60 1.34
CA CYS A 22 -0.46 -6.11 1.96
C CYS A 22 -0.40 -4.60 2.16
N PRO A 23 -1.11 -3.84 1.29
CA PRO A 23 -1.19 -2.39 1.39
C PRO A 23 -1.53 -1.92 2.81
N PRO A 24 -0.78 -0.93 3.32
CA PRO A 24 -0.98 -0.42 4.68
C PRO A 24 -2.30 0.32 4.87
N CYS A 25 -3.34 -0.43 5.17
CA CYS A 25 -4.62 0.15 5.55
C CYS A 25 -4.70 0.28 7.06
N CYS A 1 -4.37 -7.69 1.87
CA CYS A 1 -4.52 -6.24 2.07
C CYS A 1 -4.60 -5.52 0.72
N PRO A 2 -5.81 -5.29 0.20
CA PRO A 2 -6.01 -4.55 -1.03
C PRO A 2 -5.97 -3.03 -0.80
N PRO A 3 -5.17 -2.31 -1.60
CA PRO A 3 -5.11 -0.84 -1.56
C PRO A 3 -6.51 -0.21 -1.53
N CYS A 4 -6.65 0.83 -0.73
CA CYS A 4 -7.94 1.45 -0.55
C CYS A 4 -8.04 2.78 -1.31
N HIS A 5 -9.27 3.22 -1.55
CA HIS A 5 -9.56 4.46 -2.29
C HIS A 5 -9.19 4.29 -3.76
N GLY A 6 -8.98 3.05 -4.19
CA GLY A 6 -8.55 2.79 -5.55
C GLY A 6 -7.13 3.24 -5.79
N ARG A 7 -6.43 3.57 -4.72
CA ARG A 7 -5.07 4.06 -4.81
C ARG A 7 -4.15 3.17 -4.00
N PRO A 8 -2.87 3.10 -4.38
CA PRO A 8 -1.85 2.39 -3.62
C PRO A 8 -1.61 3.05 -2.28
N THR A 9 -2.45 2.75 -1.31
CA THR A 9 -2.36 3.35 0.00
C THR A 9 -1.13 2.87 0.75
N CYS A 10 -0.14 3.73 0.82
CA CYS A 10 1.10 3.43 1.52
C CYS A 10 1.65 4.67 2.19
N ASP A 11 1.60 4.69 3.52
CA ASP A 11 2.17 5.79 4.28
C ASP A 11 3.58 5.41 4.70
N SER A 12 4.33 4.91 3.74
CA SER A 12 5.68 4.39 3.93
C SER A 12 6.27 4.09 2.56
N PHE A 13 7.43 4.68 2.27
CA PHE A 13 8.04 4.57 0.95
C PHE A 13 8.36 3.11 0.65
N THR A 14 8.82 2.40 1.66
CA THR A 14 9.17 1.00 1.50
C THR A 14 7.94 0.18 1.17
N ASN A 15 6.79 0.59 1.71
CA ASN A 15 5.56 -0.14 1.47
C ASN A 15 4.98 0.24 0.12
N CYS A 16 5.42 1.38 -0.40
CA CYS A 16 4.97 1.83 -1.70
C CYS A 16 5.58 0.99 -2.81
N TRP A 17 6.79 0.47 -2.58
CA TRP A 17 7.34 -0.50 -3.51
C TRP A 17 7.15 -1.93 -2.99
N GLU A 18 6.56 -2.07 -1.81
CA GLU A 18 6.23 -3.38 -1.26
C GLU A 18 4.74 -3.54 -1.14
N LEU A 19 4.00 -3.03 -2.12
CA LEU A 19 2.54 -3.14 -2.14
C LEU A 19 2.10 -4.60 -2.24
N LEU A 20 3.07 -5.50 -2.40
CA LEU A 20 2.80 -6.93 -2.45
C LEU A 20 2.66 -7.50 -1.04
N THR A 21 3.10 -6.74 -0.04
CA THR A 21 3.04 -7.20 1.34
C THR A 21 1.66 -6.95 1.93
N CYS A 22 1.49 -5.79 2.51
CA CYS A 22 0.20 -5.39 3.07
C CYS A 22 0.09 -3.87 3.10
N PRO A 23 -0.46 -3.27 2.02
CA PRO A 23 -0.74 -1.83 1.98
C PRO A 23 -1.66 -1.38 3.12
N PRO A 24 -1.27 -0.33 3.86
CA PRO A 24 -2.08 0.23 4.95
C PRO A 24 -3.30 0.99 4.45
N CYS A 25 -4.40 0.26 4.31
CA CYS A 25 -5.69 0.88 4.01
C CYS A 25 -6.12 1.78 5.16
N CYS A 1 -6.00 -8.06 2.05
CA CYS A 1 -5.87 -6.61 2.27
C CYS A 1 -5.57 -5.88 0.95
N PRO A 2 -6.63 -5.39 0.27
CA PRO A 2 -6.49 -4.65 -0.98
C PRO A 2 -6.08 -3.20 -0.74
N PRO A 3 -5.43 -2.56 -1.72
CA PRO A 3 -5.10 -1.14 -1.66
C PRO A 3 -6.35 -0.30 -1.41
N CYS A 4 -6.27 0.59 -0.43
CA CYS A 4 -7.42 1.35 0.01
C CYS A 4 -7.69 2.52 -0.93
N HIS A 5 -8.98 2.86 -1.06
CA HIS A 5 -9.43 3.91 -1.98
C HIS A 5 -9.15 3.53 -3.44
N GLY A 6 -8.83 2.26 -3.64
CA GLY A 6 -8.46 1.78 -4.96
C GLY A 6 -7.10 2.30 -5.39
N ARG A 7 -6.41 2.96 -4.48
CA ARG A 7 -5.14 3.60 -4.78
C ARG A 7 -4.02 2.91 -4.03
N PRO A 8 -2.78 2.98 -4.57
CA PRO A 8 -1.59 2.51 -3.87
C PRO A 8 -1.33 3.29 -2.59
N THR A 9 -2.01 2.90 -1.52
CA THR A 9 -1.89 3.58 -0.25
C THR A 9 -0.58 3.28 0.44
N CYS A 10 0.31 4.26 0.42
CA CYS A 10 1.58 4.15 1.12
C CYS A 10 2.12 5.53 1.49
N ASP A 11 2.14 5.79 2.77
CA ASP A 11 2.62 7.08 3.28
C ASP A 11 4.07 6.96 3.72
N SER A 12 4.89 6.44 2.81
CA SER A 12 6.30 6.24 3.04
C SER A 12 6.96 5.78 1.74
N PHE A 13 8.14 5.21 1.83
CA PHE A 13 8.77 4.58 0.66
C PHE A 13 8.66 3.06 0.79
N THR A 14 9.01 2.56 1.98
CA THR A 14 9.04 1.13 2.23
C THR A 14 7.68 0.48 2.01
N ASN A 15 6.62 1.21 2.33
CA ASN A 15 5.29 0.65 2.19
C ASN A 15 4.82 0.73 0.75
N CYS A 16 5.46 1.60 -0.03
CA CYS A 16 5.11 1.74 -1.43
C CYS A 16 5.58 0.54 -2.22
N TRP A 17 6.72 -0.02 -1.85
CA TRP A 17 7.14 -1.25 -2.49
C TRP A 17 6.63 -2.47 -1.73
N GLU A 18 5.98 -2.24 -0.58
CA GLU A 18 5.32 -3.31 0.16
C GLU A 18 3.83 -3.33 -0.16
N LEU A 19 3.45 -2.75 -1.30
CA LEU A 19 2.07 -2.78 -1.77
C LEU A 19 1.79 -4.13 -2.42
N LEU A 20 2.85 -4.87 -2.69
CA LEU A 20 2.75 -6.17 -3.33
C LEU A 20 2.38 -7.23 -2.30
N THR A 21 2.83 -7.01 -1.07
CA THR A 21 2.53 -7.93 0.01
C THR A 21 1.19 -7.59 0.64
N CYS A 22 1.14 -6.48 1.33
CA CYS A 22 -0.07 -6.02 1.98
C CYS A 22 -0.06 -4.50 2.16
N PRO A 23 -0.83 -3.79 1.32
CA PRO A 23 -0.97 -2.33 1.43
C PRO A 23 -1.47 -1.91 2.81
N PRO A 24 -0.80 -0.94 3.44
CA PRO A 24 -1.12 -0.51 4.80
C PRO A 24 -2.29 0.46 4.85
N CYS A 25 -3.48 -0.10 4.92
CA CYS A 25 -4.67 0.69 5.15
C CYS A 25 -5.08 0.56 6.60
N CYS A 1 -4.95 -8.21 1.77
CA CYS A 1 -5.30 -6.87 2.29
C CYS A 1 -4.85 -5.78 1.33
N PRO A 2 -5.61 -5.58 0.23
CA PRO A 2 -5.28 -4.62 -0.81
C PRO A 2 -5.68 -3.18 -0.42
N PRO A 3 -5.29 -2.18 -1.24
CA PRO A 3 -5.71 -0.79 -1.04
C PRO A 3 -7.23 -0.67 -0.94
N CYS A 4 -7.71 0.40 -0.34
CA CYS A 4 -9.13 0.52 -0.04
C CYS A 4 -9.77 1.69 -0.78
N HIS A 5 -9.06 2.24 -1.75
CA HIS A 5 -9.58 3.37 -2.51
C HIS A 5 -8.93 3.48 -3.88
N GLY A 6 -8.52 2.34 -4.43
CA GLY A 6 -7.97 2.29 -5.79
C GLY A 6 -6.66 3.06 -5.95
N ARG A 7 -6.00 3.38 -4.86
CA ARG A 7 -4.73 4.10 -4.90
C ARG A 7 -3.65 3.31 -4.20
N PRO A 8 -2.38 3.48 -4.62
CA PRO A 8 -1.24 2.93 -3.90
C PRO A 8 -1.11 3.55 -2.51
N THR A 9 -1.86 2.99 -1.57
CA THR A 9 -1.88 3.51 -0.21
C THR A 9 -0.69 3.01 0.58
N CYS A 10 0.28 3.87 0.76
CA CYS A 10 1.49 3.53 1.49
C CYS A 10 1.99 4.71 2.30
N ASP A 11 1.93 4.60 3.62
CA ASP A 11 2.41 5.65 4.50
C ASP A 11 3.88 5.43 4.82
N SER A 12 4.64 5.18 3.75
CA SER A 12 6.07 4.83 3.79
C SER A 12 6.48 4.43 2.39
N PHE A 13 7.59 4.98 1.91
CA PHE A 13 8.06 4.72 0.56
C PHE A 13 8.46 3.26 0.40
N THR A 14 8.99 2.72 1.47
CA THR A 14 9.35 1.31 1.51
C THR A 14 8.12 0.44 1.33
N ASN A 15 6.99 0.91 1.83
CA ASN A 15 5.75 0.18 1.69
C ASN A 15 5.14 0.45 0.32
N CYS A 16 5.59 1.53 -0.31
CA CYS A 16 5.12 1.88 -1.64
C CYS A 16 5.63 0.89 -2.68
N TRP A 17 6.80 0.29 -2.42
CA TRP A 17 7.24 -0.81 -3.27
C TRP A 17 6.88 -2.15 -2.65
N GLU A 18 6.45 -2.16 -1.39
CA GLU A 18 5.96 -3.39 -0.76
C GLU A 18 4.43 -3.45 -0.81
N LEU A 19 3.84 -2.83 -1.81
CA LEU A 19 2.40 -2.87 -2.01
C LEU A 19 1.93 -4.29 -2.31
N LEU A 20 2.88 -5.19 -2.48
CA LEU A 20 2.58 -6.57 -2.82
C LEU A 20 2.26 -7.38 -1.57
N THR A 21 2.70 -6.89 -0.42
CA THR A 21 2.45 -7.58 0.84
C THR A 21 1.12 -7.14 1.44
N CYS A 22 1.12 -5.99 2.06
CA CYS A 22 -0.07 -5.47 2.70
C CYS A 22 -0.03 -3.94 2.81
N PRO A 23 -0.63 -3.24 1.83
CA PRO A 23 -0.78 -1.78 1.89
C PRO A 23 -1.77 -1.36 2.99
N PRO A 24 -1.38 -0.40 3.83
CA PRO A 24 -2.23 0.07 4.91
C PRO A 24 -3.25 1.10 4.45
N CYS A 25 -4.43 0.64 4.09
CA CYS A 25 -5.49 1.52 3.69
C CYS A 25 -6.66 1.35 4.64
N CYS A 1 -6.01 -8.14 0.96
CA CYS A 1 -6.09 -6.69 1.27
C CYS A 1 -5.51 -5.86 0.14
N PRO A 2 -6.38 -5.30 -0.73
CA PRO A 2 -5.96 -4.45 -1.85
C PRO A 2 -5.69 -3.00 -1.41
N PRO A 3 -5.03 -2.21 -2.28
CA PRO A 3 -4.82 -0.77 -2.05
C PRO A 3 -6.11 -0.09 -1.59
N CYS A 4 -6.02 0.68 -0.52
CA CYS A 4 -7.20 1.21 0.16
C CYS A 4 -8.02 2.09 -0.77
N HIS A 5 -9.28 1.69 -0.98
CA HIS A 5 -10.21 2.45 -1.83
C HIS A 5 -9.73 2.45 -3.29
N GLY A 6 -8.87 1.51 -3.63
CA GLY A 6 -8.34 1.43 -4.98
C GLY A 6 -7.17 2.37 -5.19
N ARG A 7 -6.78 3.06 -4.13
CA ARG A 7 -5.70 4.04 -4.21
C ARG A 7 -4.42 3.47 -3.59
N PRO A 8 -3.27 3.73 -4.23
CA PRO A 8 -1.96 3.32 -3.71
C PRO A 8 -1.64 4.01 -2.40
N THR A 9 -2.13 3.46 -1.31
CA THR A 9 -1.93 4.03 0.00
C THR A 9 -0.57 3.66 0.57
N CYS A 10 0.34 4.61 0.57
CA CYS A 10 1.67 4.40 1.10
C CYS A 10 2.28 5.72 1.56
N ASP A 11 2.52 5.82 2.86
CA ASP A 11 3.17 7.01 3.43
C ASP A 11 4.63 6.68 3.74
N SER A 12 5.29 6.12 2.76
CA SER A 12 6.68 5.71 2.85
C SER A 12 7.08 5.06 1.54
N PHE A 13 8.30 5.30 1.10
CA PHE A 13 8.76 4.80 -0.19
C PHE A 13 9.01 3.30 -0.10
N THR A 14 9.69 2.90 0.95
CA THR A 14 10.02 1.51 1.17
C THR A 14 8.76 0.69 1.42
N ASN A 15 7.79 1.29 2.08
CA ASN A 15 6.57 0.59 2.40
C ASN A 15 5.64 0.64 1.19
N CYS A 16 5.94 1.54 0.26
CA CYS A 16 5.12 1.69 -0.93
C CYS A 16 5.44 0.60 -1.94
N TRP A 17 6.67 0.09 -1.91
CA TRP A 17 6.96 -1.09 -2.70
C TRP A 17 6.61 -2.35 -1.93
N GLU A 18 6.35 -2.20 -0.63
CA GLU A 18 5.85 -3.32 0.18
C GLU A 18 4.32 -3.44 0.08
N LEU A 19 3.75 -2.93 -1.01
CA LEU A 19 2.31 -3.02 -1.23
C LEU A 19 1.95 -4.35 -1.88
N LEU A 20 2.96 -5.15 -2.19
CA LEU A 20 2.73 -6.45 -2.80
C LEU A 20 2.15 -7.41 -1.77
N THR A 21 2.65 -7.32 -0.55
CA THR A 21 2.15 -8.13 0.55
C THR A 21 0.75 -7.71 0.96
N CYS A 22 0.69 -6.58 1.64
CA CYS A 22 -0.59 -6.05 2.10
C CYS A 22 -0.53 -4.53 2.23
N PRO A 23 -1.15 -3.81 1.29
CA PRO A 23 -1.34 -2.36 1.38
C PRO A 23 -2.09 -1.97 2.65
N PRO A 24 -1.58 -0.98 3.41
CA PRO A 24 -2.22 -0.52 4.65
C PRO A 24 -3.53 0.21 4.38
N CYS A 25 -4.62 -0.54 4.35
CA CYS A 25 -5.94 0.05 4.22
C CYS A 25 -6.60 0.12 5.60
N CYS A 1 -6.59 -8.23 1.15
CA CYS A 1 -6.54 -6.82 1.59
C CYS A 1 -6.15 -5.91 0.43
N PRO A 2 -7.14 -5.22 -0.17
CA PRO A 2 -6.91 -4.33 -1.30
C PRO A 2 -6.42 -2.94 -0.87
N PRO A 3 -5.83 -2.17 -1.80
CA PRO A 3 -5.47 -0.77 -1.59
C PRO A 3 -6.58 0.03 -0.89
N CYS A 4 -6.17 0.98 -0.08
CA CYS A 4 -7.07 1.63 0.87
C CYS A 4 -7.89 2.73 0.22
N HIS A 5 -7.80 2.82 -1.09
CA HIS A 5 -8.53 3.84 -1.85
C HIS A 5 -8.57 3.47 -3.33
N GLY A 6 -8.40 2.18 -3.61
CA GLY A 6 -8.34 1.71 -4.99
C GLY A 6 -7.05 2.11 -5.69
N ARG A 7 -6.21 2.85 -4.98
CA ARG A 7 -4.95 3.34 -5.52
C ARG A 7 -3.82 2.87 -4.61
N PRO A 8 -2.57 2.92 -5.11
CA PRO A 8 -1.39 2.61 -4.29
C PRO A 8 -1.30 3.49 -3.05
N THR A 9 -1.93 3.05 -1.97
CA THR A 9 -1.92 3.78 -0.71
C THR A 9 -0.74 3.36 0.14
N CYS A 10 0.27 4.20 0.16
CA CYS A 10 1.50 3.91 0.86
C CYS A 10 1.90 5.07 1.75
N ASP A 11 2.20 4.78 3.01
CA ASP A 11 2.58 5.81 3.96
C ASP A 11 4.09 5.79 4.19
N SER A 12 4.82 5.75 3.07
CA SER A 12 6.29 5.72 3.05
C SER A 12 6.74 5.26 1.68
N PHE A 13 8.01 5.47 1.34
CA PHE A 13 8.53 5.02 0.06
C PHE A 13 8.79 3.52 0.11
N THR A 14 9.43 3.09 1.19
CA THR A 14 9.70 1.68 1.41
C THR A 14 8.40 0.91 1.51
N ASN A 15 7.39 1.57 2.05
CA ASN A 15 6.10 0.93 2.24
C ASN A 15 5.34 0.94 0.91
N CYS A 16 5.77 1.78 0.00
CA CYS A 16 5.09 1.93 -1.28
C CYS A 16 5.45 0.77 -2.20
N TRP A 17 6.65 0.23 -2.04
CA TRP A 17 6.98 -0.99 -2.74
C TRP A 17 6.65 -2.21 -1.88
N GLU A 18 6.32 -1.99 -0.61
CA GLU A 18 5.88 -3.08 0.25
C GLU A 18 4.37 -3.26 0.17
N LEU A 19 3.77 -2.72 -0.89
CA LEU A 19 2.35 -2.90 -1.13
C LEU A 19 2.10 -4.25 -1.79
N LEU A 20 3.19 -4.91 -2.16
CA LEU A 20 3.11 -6.21 -2.84
C LEU A 20 2.43 -7.23 -1.95
N THR A 21 2.81 -7.24 -0.68
CA THR A 21 2.23 -8.17 0.28
C THR A 21 0.81 -7.78 0.64
N CYS A 22 0.70 -6.66 1.32
CA CYS A 22 -0.59 -6.15 1.76
C CYS A 22 -0.54 -4.64 1.97
N PRO A 23 -1.42 -3.89 1.29
CA PRO A 23 -1.58 -2.46 1.50
C PRO A 23 -1.96 -2.13 2.96
N PRO A 24 -1.27 -1.18 3.59
CA PRO A 24 -1.50 -0.82 4.98
C PRO A 24 -2.75 0.02 5.18
N CYS A 25 -3.87 -0.65 5.33
CA CYS A 25 -5.14 0.02 5.55
C CYS A 25 -5.46 0.06 7.05
N CYS A 1 -5.81 -7.76 2.52
CA CYS A 1 -5.73 -6.29 2.62
C CYS A 1 -5.73 -5.65 1.23
N PRO A 2 -6.85 -5.02 0.84
CA PRO A 2 -6.94 -4.31 -0.44
C PRO A 2 -6.36 -2.91 -0.37
N PRO A 3 -5.87 -2.37 -1.50
CA PRO A 3 -5.42 -0.98 -1.57
C PRO A 3 -6.58 -0.02 -1.28
N CYS A 4 -6.34 0.91 -0.37
CA CYS A 4 -7.40 1.76 0.13
C CYS A 4 -7.95 2.68 -0.95
N HIS A 5 -9.23 2.48 -1.27
CA HIS A 5 -9.97 3.25 -2.27
C HIS A 5 -9.35 3.10 -3.65
N GLY A 6 -8.86 1.89 -3.94
CA GLY A 6 -8.34 1.60 -5.26
C GLY A 6 -7.09 2.40 -5.61
N ARG A 7 -6.43 2.94 -4.58
CA ARG A 7 -5.20 3.68 -4.79
C ARG A 7 -4.07 3.06 -3.98
N PRO A 8 -2.85 3.05 -4.54
CA PRO A 8 -1.66 2.59 -3.83
C PRO A 8 -1.36 3.46 -2.61
N THR A 9 -2.01 3.14 -1.51
CA THR A 9 -1.88 3.92 -0.31
C THR A 9 -0.61 3.54 0.45
N CYS A 10 0.34 4.46 0.43
CA CYS A 10 1.60 4.27 1.11
C CYS A 10 2.03 5.53 1.85
N ASP A 11 2.23 5.41 3.16
CA ASP A 11 2.79 6.51 3.94
C ASP A 11 4.25 6.23 4.28
N SER A 12 4.99 5.85 3.25
CA SER A 12 6.39 5.45 3.36
C SER A 12 6.80 4.83 2.04
N PHE A 13 8.00 5.15 1.59
CA PHE A 13 8.49 4.66 0.32
C PHE A 13 8.73 3.16 0.39
N THR A 14 9.19 2.70 1.53
CA THR A 14 9.50 1.29 1.72
C THR A 14 8.23 0.45 1.70
N ASN A 15 7.14 1.00 2.21
CA ASN A 15 5.86 0.30 2.19
C ASN A 15 5.22 0.48 0.84
N CYS A 16 5.67 1.50 0.10
CA CYS A 16 5.06 1.82 -1.17
C CYS A 16 5.52 0.84 -2.24
N TRP A 17 6.69 0.25 -2.06
CA TRP A 17 7.08 -0.85 -2.92
C TRP A 17 6.70 -2.18 -2.28
N GLU A 18 6.35 -2.15 -0.99
CA GLU A 18 5.85 -3.35 -0.34
C GLU A 18 4.33 -3.36 -0.33
N LEU A 19 3.73 -2.77 -1.35
CA LEU A 19 2.30 -2.85 -1.54
C LEU A 19 1.95 -4.21 -2.14
N LEU A 20 2.99 -4.95 -2.49
CA LEU A 20 2.85 -6.28 -3.05
C LEU A 20 2.56 -7.29 -1.95
N THR A 21 3.06 -7.01 -0.75
CA THR A 21 2.84 -7.89 0.38
C THR A 21 1.48 -7.64 1.00
N CYS A 22 1.31 -6.47 1.56
CA CYS A 22 0.05 -6.08 2.17
C CYS A 22 -0.10 -4.55 2.19
N PRO A 23 -0.96 -4.00 1.31
CA PRO A 23 -1.23 -2.56 1.27
C PRO A 23 -1.88 -2.06 2.56
N PRO A 24 -1.35 -0.96 3.13
CA PRO A 24 -1.91 -0.37 4.35
C PRO A 24 -3.19 0.42 4.08
N CYS A 25 -4.31 -0.27 4.12
CA CYS A 25 -5.61 0.36 3.97
C CYS A 25 -6.19 0.63 5.35
N CYS A 1 -4.33 -8.71 2.22
CA CYS A 1 -4.24 -7.27 2.51
C CYS A 1 -4.65 -6.46 1.28
N PRO A 2 -5.92 -6.06 1.19
CA PRO A 2 -6.43 -5.26 0.07
C PRO A 2 -6.14 -3.78 0.24
N PRO A 3 -5.83 -3.09 -0.87
CA PRO A 3 -5.67 -1.62 -0.88
C PRO A 3 -7.01 -0.93 -0.62
N CYS A 4 -6.97 0.38 -0.41
CA CYS A 4 -8.17 1.12 -0.08
C CYS A 4 -8.22 2.43 -0.84
N HIS A 5 -9.45 2.91 -1.09
CA HIS A 5 -9.70 4.13 -1.85
C HIS A 5 -9.31 3.94 -3.32
N GLY A 6 -9.15 2.69 -3.72
CA GLY A 6 -8.85 2.36 -5.10
C GLY A 6 -7.39 2.55 -5.46
N ARG A 7 -6.66 3.23 -4.60
CA ARG A 7 -5.28 3.59 -4.90
C ARG A 7 -4.31 2.94 -3.91
N PRO A 8 -3.09 2.63 -4.38
CA PRO A 8 -2.02 2.18 -3.49
C PRO A 8 -1.58 3.29 -2.54
N THR A 9 -2.30 3.43 -1.45
CA THR A 9 -2.06 4.50 -0.51
C THR A 9 -0.94 4.15 0.45
N CYS A 10 0.20 4.79 0.25
CA CYS A 10 1.35 4.59 1.13
C CYS A 10 2.10 5.89 1.37
N ASP A 11 2.18 6.28 2.64
CA ASP A 11 3.01 7.42 3.03
C ASP A 11 4.27 6.91 3.69
N SER A 12 4.89 5.94 3.04
CA SER A 12 6.07 5.26 3.55
C SER A 12 6.71 4.48 2.41
N PHE A 13 7.94 4.86 2.08
CA PHE A 13 8.67 4.28 0.94
C PHE A 13 8.75 2.78 1.06
N THR A 14 8.95 2.32 2.29
CA THR A 14 9.07 0.90 2.56
C THR A 14 7.76 0.16 2.26
N ASN A 15 6.65 0.81 2.50
CA ASN A 15 5.37 0.18 2.24
C ASN A 15 4.99 0.37 0.78
N CYS A 16 5.62 1.34 0.14
CA CYS A 16 5.34 1.62 -1.25
C CYS A 16 5.97 0.57 -2.16
N TRP A 17 7.01 -0.11 -1.68
CA TRP A 17 7.52 -1.26 -2.40
C TRP A 17 6.90 -2.53 -1.84
N GLU A 18 6.28 -2.43 -0.66
CA GLU A 18 5.56 -3.57 -0.09
C GLU A 18 4.07 -3.51 -0.43
N LEU A 19 3.75 -2.83 -1.52
CA LEU A 19 2.36 -2.75 -2.01
C LEU A 19 1.96 -4.08 -2.64
N LEU A 20 2.93 -4.93 -2.86
CA LEU A 20 2.69 -6.25 -3.43
C LEU A 20 2.32 -7.23 -2.33
N THR A 21 2.76 -6.93 -1.12
CA THR A 21 2.48 -7.78 0.02
C THR A 21 1.28 -7.30 0.81
N CYS A 22 1.33 -6.05 1.20
CA CYS A 22 0.25 -5.46 1.99
C CYS A 22 0.19 -3.94 1.81
N PRO A 23 -0.69 -3.45 0.92
CA PRO A 23 -0.95 -2.03 0.76
C PRO A 23 -1.55 -1.42 2.03
N PRO A 24 -0.99 -0.29 2.50
CA PRO A 24 -1.51 0.41 3.67
C PRO A 24 -2.89 1.04 3.43
N CYS A 25 -3.93 0.28 3.76
CA CYS A 25 -5.28 0.80 3.74
C CYS A 25 -5.42 2.02 4.65
N CYS A 1 -6.36 -7.63 2.06
CA CYS A 1 -6.06 -6.18 2.22
C CYS A 1 -5.47 -5.61 0.93
N PRO A 2 -6.34 -5.12 0.03
CA PRO A 2 -5.93 -4.48 -1.21
C PRO A 2 -5.55 -3.02 -0.98
N PRO A 3 -4.97 -2.35 -2.00
CA PRO A 3 -4.73 -0.91 -1.96
C PRO A 3 -5.99 -0.17 -1.49
N CYS A 4 -5.83 0.72 -0.52
CA CYS A 4 -6.97 1.32 0.15
C CYS A 4 -7.78 2.17 -0.83
N HIS A 5 -9.04 1.80 -1.02
CA HIS A 5 -9.93 2.45 -1.97
C HIS A 5 -9.39 2.38 -3.40
N GLY A 6 -8.61 1.34 -3.66
CA GLY A 6 -8.12 1.10 -5.01
C GLY A 6 -6.84 1.84 -5.31
N ARG A 7 -6.38 2.66 -4.37
CA ARG A 7 -5.20 3.48 -4.57
C ARG A 7 -4.03 2.97 -3.74
N PRO A 8 -2.82 3.02 -4.31
CA PRO A 8 -1.59 2.66 -3.61
C PRO A 8 -1.33 3.56 -2.40
N THR A 9 -1.91 3.19 -1.27
CA THR A 9 -1.78 3.98 -0.06
C THR A 9 -0.51 3.64 0.70
N CYS A 10 0.45 4.55 0.66
CA CYS A 10 1.70 4.37 1.39
C CYS A 10 2.29 5.72 1.77
N ASP A 11 2.45 5.95 3.06
CA ASP A 11 3.08 7.16 3.56
C ASP A 11 4.53 6.90 3.90
N SER A 12 5.23 6.30 2.93
CA SER A 12 6.62 5.91 3.04
C SER A 12 6.94 4.98 1.88
N PHE A 13 8.03 5.27 1.19
CA PHE A 13 8.39 4.52 -0.01
C PHE A 13 8.65 3.06 0.33
N THR A 14 8.98 2.80 1.59
CA THR A 14 9.20 1.43 2.04
C THR A 14 7.91 0.62 1.94
N ASN A 15 6.79 1.28 2.21
CA ASN A 15 5.51 0.61 2.13
C ASN A 15 5.00 0.66 0.70
N CYS A 16 5.55 1.58 -0.07
CA CYS A 16 5.13 1.76 -1.45
C CYS A 16 5.60 0.60 -2.31
N TRP A 17 6.70 -0.02 -1.95
CA TRP A 17 7.12 -1.21 -2.65
C TRP A 17 6.56 -2.44 -1.95
N GLU A 18 6.17 -2.29 -0.68
CA GLU A 18 5.55 -3.41 0.04
C GLU A 18 4.03 -3.38 -0.14
N LEU A 19 3.59 -2.80 -1.24
CA LEU A 19 2.17 -2.79 -1.59
C LEU A 19 1.81 -4.07 -2.31
N LEU A 20 2.82 -4.85 -2.64
CA LEU A 20 2.61 -6.12 -3.33
C LEU A 20 2.29 -7.23 -2.33
N THR A 21 2.41 -6.93 -1.05
CA THR A 21 2.03 -7.86 -0.01
C THR A 21 0.71 -7.45 0.60
N CYS A 22 0.75 -6.44 1.44
CA CYS A 22 -0.45 -5.94 2.09
C CYS A 22 -0.38 -4.42 2.29
N PRO A 23 -1.00 -3.65 1.38
CA PRO A 23 -1.13 -2.20 1.52
C PRO A 23 -1.81 -1.79 2.82
N PRO A 24 -1.23 -0.83 3.56
CA PRO A 24 -1.81 -0.35 4.82
C PRO A 24 -3.08 0.45 4.61
N CYS A 25 -4.20 -0.27 4.60
CA CYS A 25 -5.52 0.35 4.47
C CYS A 25 -6.21 0.39 5.83
N CYS A 1 -4.92 -8.01 1.05
CA CYS A 1 -4.99 -6.57 1.42
C CYS A 1 -5.12 -5.70 0.18
N PRO A 2 -6.30 -5.11 -0.04
CA PRO A 2 -6.51 -4.16 -1.13
C PRO A 2 -6.05 -2.75 -0.74
N PRO A 3 -5.59 -1.95 -1.72
CA PRO A 3 -5.28 -0.54 -1.49
C PRO A 3 -6.47 0.18 -0.85
N CYS A 4 -6.18 1.14 0.02
CA CYS A 4 -7.23 1.71 0.88
C CYS A 4 -7.89 2.90 0.20
N HIS A 5 -8.26 2.72 -1.07
CA HIS A 5 -8.86 3.79 -1.89
C HIS A 5 -8.83 3.39 -3.36
N GLY A 6 -7.92 2.47 -3.70
CA GLY A 6 -7.76 2.05 -5.07
C GLY A 6 -6.42 2.48 -5.63
N ARG A 7 -5.68 3.23 -4.83
CA ARG A 7 -4.38 3.73 -5.23
C ARG A 7 -3.34 3.28 -4.22
N PRO A 8 -2.04 3.36 -4.57
CA PRO A 8 -0.94 3.09 -3.64
C PRO A 8 -1.08 3.87 -2.33
N THR A 9 -1.79 3.29 -1.39
CA THR A 9 -2.00 3.92 -0.11
C THR A 9 -0.82 3.67 0.82
N CYS A 10 0.05 4.66 0.90
CA CYS A 10 1.28 4.54 1.66
C CYS A 10 1.93 5.90 1.84
N ASP A 11 2.01 6.36 3.07
CA ASP A 11 2.71 7.60 3.37
C ASP A 11 4.17 7.29 3.70
N SER A 12 4.76 6.49 2.82
CA SER A 12 6.11 6.00 2.95
C SER A 12 6.43 5.12 1.76
N PHE A 13 7.48 5.48 1.03
CA PHE A 13 7.82 4.78 -0.21
C PHE A 13 8.18 3.34 0.05
N THR A 14 8.64 3.06 1.26
CA THR A 14 8.99 1.72 1.67
C THR A 14 7.75 0.82 1.67
N ASN A 15 6.61 1.38 2.05
CA ASN A 15 5.38 0.61 2.08
C ASN A 15 4.76 0.60 0.70
N CYS A 16 5.17 1.54 -0.13
CA CYS A 16 4.68 1.64 -1.48
C CYS A 16 5.23 0.52 -2.35
N TRP A 17 6.42 0.02 -2.02
CA TRP A 17 6.93 -1.15 -2.71
C TRP A 17 6.57 -2.42 -1.96
N GLU A 18 6.11 -2.27 -0.72
CA GLU A 18 5.62 -3.42 0.03
C GLU A 18 4.12 -3.61 -0.17
N LEU A 19 3.63 -3.15 -1.31
CA LEU A 19 2.23 -3.34 -1.67
C LEU A 19 2.00 -4.74 -2.25
N LEU A 20 3.08 -5.49 -2.39
CA LEU A 20 3.00 -6.85 -2.92
C LEU A 20 2.60 -7.82 -1.81
N THR A 21 2.92 -7.45 -0.59
CA THR A 21 2.58 -8.27 0.56
C THR A 21 1.22 -7.91 1.11
N CYS A 22 1.13 -6.73 1.67
CA CYS A 22 -0.11 -6.24 2.24
C CYS A 22 -0.14 -4.71 2.27
N PRO A 23 -0.77 -4.07 1.27
CA PRO A 23 -1.06 -2.63 1.31
C PRO A 23 -1.67 -2.21 2.64
N PRO A 24 -1.16 -1.14 3.25
CA PRO A 24 -1.67 -0.66 4.54
C PRO A 24 -3.04 0.00 4.43
N CYS A 25 -4.08 -0.80 4.54
CA CYS A 25 -5.44 -0.27 4.59
C CYS A 25 -5.98 -0.40 6.00
N CYS A 1 -5.38 -7.93 2.89
CA CYS A 1 -5.26 -6.45 2.91
C CYS A 1 -5.15 -5.90 1.49
N PRO A 2 -6.29 -5.57 0.86
CA PRO A 2 -6.33 -5.01 -0.47
C PRO A 2 -6.09 -3.50 -0.46
N PRO A 3 -5.54 -2.94 -1.55
CA PRO A 3 -5.43 -1.48 -1.72
C PRO A 3 -6.81 -0.84 -1.70
N CYS A 4 -6.94 0.29 -1.03
CA CYS A 4 -8.24 0.89 -0.82
C CYS A 4 -8.31 2.34 -1.29
N HIS A 5 -9.54 2.80 -1.58
CA HIS A 5 -9.80 4.16 -2.04
C HIS A 5 -9.27 4.41 -3.45
N GLY A 6 -8.85 3.33 -4.12
CA GLY A 6 -8.28 3.46 -5.45
C GLY A 6 -6.96 4.20 -5.44
N ARG A 7 -6.36 4.29 -4.25
CA ARG A 7 -5.12 5.01 -4.08
C ARG A 7 -4.01 4.04 -3.71
N PRO A 8 -2.81 4.23 -4.28
CA PRO A 8 -1.61 3.52 -3.83
C PRO A 8 -1.37 3.74 -2.35
N THR A 9 -1.95 2.87 -1.52
CA THR A 9 -1.89 3.01 -0.08
C THR A 9 -0.49 2.72 0.45
N CYS A 10 0.27 3.77 0.70
CA CYS A 10 1.63 3.60 1.20
C CYS A 10 2.14 4.87 1.85
N ASP A 11 2.82 4.69 2.97
CA ASP A 11 3.37 5.79 3.74
C ASP A 11 4.86 5.85 3.50
N SER A 12 5.21 6.32 2.30
CA SER A 12 6.57 6.58 1.86
C SER A 12 7.08 5.41 1.03
N PHE A 13 8.29 5.57 0.49
CA PHE A 13 8.82 4.70 -0.55
C PHE A 13 8.82 3.23 -0.12
N THR A 14 9.28 2.99 1.09
CA THR A 14 9.42 1.64 1.60
C THR A 14 8.07 0.95 1.71
N ASN A 15 7.04 1.72 2.04
CA ASN A 15 5.72 1.15 2.17
C ASN A 15 5.05 1.07 0.81
N CYS A 16 5.55 1.83 -0.14
CA CYS A 16 5.01 1.81 -1.49
C CYS A 16 5.45 0.55 -2.23
N TRP A 17 6.53 -0.09 -1.78
CA TRP A 17 6.86 -1.41 -2.29
C TRP A 17 6.38 -2.50 -1.33
N GLU A 18 5.87 -2.09 -0.17
CA GLU A 18 5.16 -3.01 0.73
C GLU A 18 3.79 -3.36 0.15
N LEU A 19 3.45 -2.75 -0.98
CA LEU A 19 2.17 -2.99 -1.65
C LEU A 19 2.09 -4.41 -2.21
N LEU A 20 3.24 -5.02 -2.39
CA LEU A 20 3.32 -6.37 -2.94
C LEU A 20 2.99 -7.39 -1.86
N THR A 21 3.26 -7.02 -0.62
CA THR A 21 3.01 -7.90 0.50
C THR A 21 1.66 -7.61 1.15
N CYS A 22 1.56 -6.45 1.76
CA CYS A 22 0.35 -6.07 2.47
C CYS A 22 0.10 -4.57 2.42
N PRO A 23 -0.72 -4.11 1.47
CA PRO A 23 -1.19 -2.72 1.42
C PRO A 23 -2.12 -2.40 2.60
N PRO A 24 -1.86 -1.29 3.30
CA PRO A 24 -2.70 -0.85 4.41
C PRO A 24 -3.95 -0.12 3.95
N CYS A 25 -5.05 -0.86 3.86
CA CYS A 25 -6.35 -0.29 3.54
C CYS A 25 -6.72 0.82 4.52
#